data_1ZC9
#
_entry.id   1ZC9
#
_cell.length_a   151.652
_cell.length_b   151.652
_cell.length_c   85.044
_cell.angle_alpha   90.00
_cell.angle_beta   90.00
_cell.angle_gamma   120.00
#
_symmetry.space_group_name_H-M   'P 64 2 2'
#
loop_
_entity.id
_entity.type
_entity.pdbx_description
1 polymer '2,2-dialkylglycine decarboxylase'
2 non-polymer 'POTASSIUM ION'
3 non-polymer 'SODIUM ION'
4 non-polymer "4'-DEOXY-4'-AMINOPYRIDOXAL-5'-PHOSPHATE"
5 water water
#
_entity_poly.entity_id   1
_entity_poly.type   'polypeptide(L)'
_entity_poly.pdbx_seq_one_letter_code
;MSLNDDATFWRNARHHLVRYGGTFEPMIIERAKGSFVYDADGRAILDFTSGQMSAVLGHCHPEIVSVIGEYAGKLDHLFS
EMLSRPVVDLATRLANITPPGLDRALLLSTGAESNEAAIRMAKLVTGKYEIVGFAQSWHGMTGAAASATYSAGRKGVGPA
AVGSFAIPAPFTYRPRFERNGAYDYLAELDYAFDLIDRQSSGNLAAFIAEPILSSGGIIELPDGYMAALKRKCEARGMLL
ILDEAQTGVGRTGTMFACQRDGVTPDILTLSKTLGAGLPLAAIVTSAAIEERAHELGYLFYTTHVSDPLPAAVGLRVLDV
VQRDGLVARANVMGDRLRRGLLDLMERFDCIGDVRGRGLLLGVEIVKDRRTKEPADGLGAKITRECMNLGLSMNIVQLPG
MGGVFRIAPPLTVSEDEIDLGLSLLGQAIERAL
;
_entity_poly.pdbx_strand_id   A
#
# COMPACT_ATOMS: atom_id res chain seq x y z
N LEU A 3 7.35 -10.99 -31.19
CA LEU A 3 6.42 -11.72 -30.30
C LEU A 3 7.03 -12.05 -28.92
N ASN A 4 6.12 -12.45 -28.05
CA ASN A 4 6.41 -12.78 -26.69
C ASN A 4 7.11 -14.11 -26.51
N ASP A 5 7.23 -14.88 -27.60
CA ASP A 5 7.81 -16.22 -27.52
C ASP A 5 9.32 -16.35 -27.66
N ASP A 6 10.01 -15.23 -27.79
CA ASP A 6 11.47 -15.17 -27.91
C ASP A 6 12.12 -16.31 -27.08
N ALA A 7 12.57 -17.36 -27.76
CA ALA A 7 13.16 -18.51 -27.06
C ALA A 7 14.39 -18.17 -26.23
N THR A 8 15.21 -17.28 -26.75
CA THR A 8 16.41 -16.86 -26.05
C THR A 8 16.07 -16.08 -24.76
N PHE A 9 15.02 -15.26 -24.81
CA PHE A 9 14.63 -14.49 -23.63
C PHE A 9 14.18 -15.45 -22.53
N TRP A 10 13.28 -16.36 -22.89
CA TRP A 10 12.76 -17.28 -21.90
C TRP A 10 13.77 -18.29 -21.38
N ARG A 11 14.74 -18.65 -22.22
CA ARG A 11 15.79 -19.57 -21.80
C ARG A 11 16.63 -18.83 -20.75
N ASN A 12 17.01 -17.58 -21.04
CA ASN A 12 17.80 -16.80 -20.09
C ASN A 12 17.05 -16.53 -18.81
N ALA A 13 15.75 -16.31 -18.94
CA ALA A 13 14.94 -16.06 -17.75
C ALA A 13 14.95 -17.28 -16.84
N ARG A 14 14.75 -18.47 -17.41
CA ARG A 14 14.73 -19.68 -16.58
C ARG A 14 16.10 -20.00 -15.97
N HIS A 15 17.17 -19.77 -16.72
CA HIS A 15 18.53 -20.06 -16.28
C HIS A 15 19.10 -19.08 -15.29
N HIS A 16 18.67 -17.83 -15.40
CA HIS A 16 19.29 -16.79 -14.59
C HIS A 16 18.49 -15.95 -13.64
N LEU A 17 17.21 -16.25 -13.43
CA LEU A 17 16.42 -15.47 -12.46
C LEU A 17 16.09 -16.25 -11.19
N VAL A 18 16.21 -15.55 -10.06
CA VAL A 18 15.79 -16.09 -8.79
C VAL A 18 14.26 -15.81 -8.82
N ARG A 19 13.47 -16.84 -8.50
CA ARG A 19 12.01 -16.70 -8.42
C ARG A 19 11.72 -16.18 -7.00
N TYR A 20 10.80 -15.22 -6.88
CA TYR A 20 10.53 -14.60 -5.59
C TYR A 20 9.06 -14.50 -5.18
N GLY A 21 8.21 -15.34 -5.74
CA GLY A 21 6.80 -15.32 -5.36
C GLY A 21 5.94 -15.26 -6.62
N GLY A 22 4.85 -16.01 -6.63
CA GLY A 22 3.99 -16.02 -7.79
C GLY A 22 4.69 -16.68 -8.98
N THR A 23 4.17 -16.40 -10.18
CA THR A 23 4.71 -16.95 -11.41
C THR A 23 4.89 -15.71 -12.29
N PHE A 24 5.76 -15.79 -13.29
CA PHE A 24 5.97 -14.66 -14.17
C PHE A 24 4.91 -14.68 -15.28
N GLU A 25 4.41 -13.50 -15.65
CA GLU A 25 3.42 -13.39 -16.75
C GLU A 25 4.09 -13.87 -18.04
N PRO A 26 3.34 -14.52 -18.94
CA PRO A 26 3.90 -15.02 -20.20
C PRO A 26 3.98 -14.00 -21.31
N MET A 27 4.61 -12.87 -21.06
CA MET A 27 4.71 -11.84 -22.07
C MET A 27 5.99 -11.07 -21.82
N ILE A 28 6.48 -10.36 -22.83
CA ILE A 28 7.66 -9.54 -22.68
C ILE A 28 7.22 -8.09 -22.82
N ILE A 29 7.28 -7.31 -21.74
CA ILE A 29 6.86 -5.89 -21.79
C ILE A 29 7.99 -5.03 -22.34
N GLU A 30 7.70 -4.33 -23.43
CA GLU A 30 8.72 -3.49 -24.07
C GLU A 30 8.51 -1.97 -23.95
N ARG A 31 7.31 -1.54 -23.63
CA ARG A 31 7.06 -0.11 -23.51
C ARG A 31 5.91 0.13 -22.53
N ALA A 32 5.83 1.34 -21.98
CA ALA A 32 4.78 1.70 -21.02
C ALA A 32 4.48 3.20 -21.21
N LYS A 33 3.19 3.58 -21.18
CA LYS A 33 2.80 4.99 -21.34
C LYS A 33 1.40 5.22 -20.77
N GLY A 34 1.27 6.20 -19.88
CA GLY A 34 -0.04 6.48 -19.28
C GLY A 34 -0.56 5.28 -18.52
N SER A 35 -1.81 4.94 -18.78
CA SER A 35 -2.49 3.82 -18.14
C SER A 35 -2.23 2.46 -18.79
N PHE A 36 -1.29 2.41 -19.74
CA PHE A 36 -0.99 1.16 -20.45
C PHE A 36 0.47 0.71 -20.48
N VAL A 37 0.67 -0.61 -20.58
CA VAL A 37 1.99 -1.21 -20.81
C VAL A 37 1.79 -1.96 -22.16
N TYR A 38 2.87 -2.20 -22.90
CA TYR A 38 2.78 -2.85 -24.23
C TYR A 38 3.70 -4.06 -24.34
N ASP A 39 3.17 -5.18 -24.83
CA ASP A 39 4.00 -6.38 -24.97
C ASP A 39 4.83 -6.36 -26.26
N ALA A 40 5.57 -7.44 -26.54
CA ALA A 40 6.46 -7.49 -27.72
C ALA A 40 5.71 -7.42 -29.05
N ASP A 41 4.42 -7.74 -29.04
CA ASP A 41 3.64 -7.64 -30.26
C ASP A 41 3.07 -6.22 -30.38
N GLY A 42 3.27 -5.40 -29.34
CA GLY A 42 2.75 -4.04 -29.38
C GLY A 42 1.33 -3.93 -28.86
N ARG A 43 0.84 -5.03 -28.29
CA ARG A 43 -0.51 -5.11 -27.73
C ARG A 43 -0.66 -4.26 -26.45
N ALA A 44 -1.67 -3.41 -26.43
CA ALA A 44 -1.90 -2.54 -25.27
C ALA A 44 -2.62 -3.27 -24.13
N ILE A 45 -2.05 -3.18 -22.93
CA ILE A 45 -2.61 -3.80 -21.75
C ILE A 45 -2.93 -2.70 -20.74
N LEU A 46 -4.20 -2.60 -20.35
CA LEU A 46 -4.64 -1.57 -19.41
C LEU A 46 -4.11 -1.93 -18.00
N ASP A 47 -3.28 -1.04 -17.46
CA ASP A 47 -2.62 -1.29 -16.17
C ASP A 47 -3.49 -0.87 -15.00
N PHE A 48 -4.40 -1.75 -14.62
CA PHE A 48 -5.32 -1.46 -13.52
C PHE A 48 -4.77 -1.65 -12.10
N THR A 49 -3.45 -1.80 -11.98
CA THR A 49 -2.80 -1.89 -10.68
C THR A 49 -1.69 -0.86 -10.56
N SER A 50 -1.60 0.06 -11.52
CA SER A 50 -0.53 1.08 -11.54
C SER A 50 0.85 0.42 -11.34
N GLY A 51 1.08 -0.69 -12.05
CA GLY A 51 2.37 -1.39 -11.92
C GLY A 51 2.26 -2.16 -10.63
N GLN A 52 3.19 -1.97 -9.71
CA GLN A 52 3.08 -2.65 -8.42
C GLN A 52 2.57 -1.55 -7.48
N MET A 53 1.38 -1.04 -7.81
CA MET A 53 0.66 0.02 -7.10
C MET A 53 1.43 1.30 -6.85
N SER A 54 2.31 1.65 -7.77
CA SER A 54 3.12 2.84 -7.62
C SER A 54 2.93 3.94 -8.65
N ALA A 55 2.51 3.59 -9.86
CA ALA A 55 2.43 4.62 -10.89
C ALA A 55 1.20 5.52 -10.78
N VAL A 56 1.17 6.35 -9.73
CA VAL A 56 0.01 7.24 -9.52
C VAL A 56 -0.14 8.27 -10.66
N LEU A 57 0.93 8.60 -11.35
CA LEU A 57 0.84 9.56 -12.47
C LEU A 57 0.77 8.82 -13.81
N GLY A 58 0.69 7.49 -13.78
CA GLY A 58 0.73 6.68 -15.00
C GLY A 58 2.18 6.45 -15.39
N HIS A 59 2.45 5.68 -16.46
CA HIS A 59 3.81 5.38 -16.85
C HIS A 59 4.47 6.49 -17.66
N CYS A 60 5.75 6.73 -17.38
CA CYS A 60 6.50 7.71 -18.16
C CYS A 60 5.80 9.05 -18.38
N HIS A 61 5.39 9.69 -17.28
CA HIS A 61 4.76 11.00 -17.34
C HIS A 61 5.84 12.02 -17.82
N PRO A 62 5.50 12.89 -18.77
CA PRO A 62 6.50 13.86 -19.25
C PRO A 62 7.21 14.72 -18.22
N GLU A 63 6.51 15.11 -17.17
CA GLU A 63 7.14 15.91 -16.13
C GLU A 63 8.11 15.11 -15.26
N ILE A 64 7.89 13.80 -15.16
CA ILE A 64 8.80 12.96 -14.41
C ILE A 64 10.02 12.72 -15.30
N VAL A 65 9.76 12.46 -16.59
CA VAL A 65 10.85 12.24 -17.55
C VAL A 65 11.75 13.49 -17.50
N SER A 66 11.12 14.65 -17.51
CA SER A 66 11.84 15.91 -17.46
C SER A 66 12.73 16.10 -16.21
N VAL A 67 12.16 15.94 -15.02
CA VAL A 67 12.94 16.16 -13.81
C VAL A 67 14.03 15.11 -13.67
N ILE A 68 13.75 13.88 -14.11
CA ILE A 68 14.75 12.82 -13.98
C ILE A 68 15.99 13.14 -14.80
N GLY A 69 15.77 13.54 -16.05
CA GLY A 69 16.85 13.87 -16.94
C GLY A 69 17.66 15.03 -16.39
N GLU A 70 16.95 16.05 -15.90
CA GLU A 70 17.60 17.24 -15.33
C GLU A 70 18.53 16.91 -14.16
N TYR A 71 18.06 16.16 -13.16
CA TYR A 71 18.92 15.85 -12.03
C TYR A 71 19.95 14.78 -12.32
N ALA A 72 19.63 13.86 -13.23
CA ALA A 72 20.60 12.82 -13.57
C ALA A 72 21.80 13.50 -14.19
N GLY A 73 21.58 14.60 -14.90
CA GLY A 73 22.68 15.30 -15.53
C GLY A 73 23.32 16.41 -14.71
N LYS A 74 22.69 16.79 -13.60
CA LYS A 74 23.20 17.87 -12.76
C LYS A 74 23.53 17.60 -11.27
N LEU A 75 22.73 16.79 -10.57
CA LEU A 75 22.94 16.56 -9.11
C LEU A 75 22.32 15.20 -8.82
N ASP A 76 23.15 14.16 -8.71
CA ASP A 76 22.60 12.82 -8.62
C ASP A 76 22.56 12.05 -7.29
N HIS A 77 23.74 11.76 -6.77
CA HIS A 77 23.92 10.99 -5.57
C HIS A 77 25.03 11.69 -4.79
N LEU A 78 24.94 11.69 -3.45
CA LEU A 78 25.93 12.35 -2.59
C LEU A 78 26.27 11.61 -1.30
N PHE A 79 27.40 12.03 -0.72
CA PHE A 79 27.82 11.54 0.59
C PHE A 79 26.59 11.87 1.45
N SER A 80 26.17 10.93 2.31
CA SER A 80 24.96 11.14 3.10
C SER A 80 24.98 12.22 4.18
N GLU A 81 26.14 12.82 4.44
CA GLU A 81 26.12 13.93 5.37
C GLU A 81 26.05 15.28 4.59
N MET A 82 25.92 15.21 3.25
CA MET A 82 25.81 16.43 2.43
C MET A 82 24.38 16.72 2.03
N LEU A 83 23.89 17.91 2.38
CA LEU A 83 22.53 18.31 2.04
C LEU A 83 22.44 19.12 0.72
N SER A 84 21.26 19.10 0.12
CA SER A 84 20.99 19.80 -1.14
C SER A 84 19.53 20.31 -1.10
N ARG A 85 19.16 21.19 -2.03
CA ARG A 85 17.82 21.78 -2.02
C ARG A 85 16.66 20.83 -2.27
N PRO A 86 16.82 19.84 -3.16
CA PRO A 86 15.68 18.94 -3.37
C PRO A 86 15.33 18.20 -2.07
N VAL A 87 16.34 17.92 -1.26
CA VAL A 87 16.10 17.20 0.01
C VAL A 87 15.41 18.07 1.02
N VAL A 88 15.92 19.28 1.25
CA VAL A 88 15.27 20.17 2.21
C VAL A 88 13.87 20.59 1.66
N ASP A 89 13.74 20.80 0.36
CA ASP A 89 12.42 21.16 -0.20
C ASP A 89 11.38 20.03 -0.03
N LEU A 90 11.78 18.80 -0.36
CA LEU A 90 10.82 17.69 -0.24
C LEU A 90 10.47 17.49 1.24
N ALA A 91 11.48 17.51 2.11
CA ALA A 91 11.22 17.37 3.54
C ALA A 91 10.19 18.42 4.01
N THR A 92 10.40 19.68 3.60
CA THR A 92 9.53 20.80 3.97
C THR A 92 8.13 20.62 3.40
N ARG A 93 8.03 20.22 2.13
CA ARG A 93 6.73 20.00 1.52
C ARG A 93 5.98 18.91 2.30
N LEU A 94 6.67 17.82 2.69
CA LEU A 94 5.97 16.76 3.44
C LEU A 94 5.48 17.28 4.81
N ALA A 95 6.26 18.14 5.45
CA ALA A 95 5.82 18.70 6.71
C ALA A 95 4.56 19.56 6.45
N ASN A 96 4.57 20.32 5.36
CA ASN A 96 3.42 21.19 5.06
C ASN A 96 2.13 20.49 4.61
N ILE A 97 2.23 19.31 3.99
CA ILE A 97 1.01 18.65 3.50
C ILE A 97 0.49 17.50 4.37
N THR A 98 1.26 17.11 5.40
CA THR A 98 0.79 16.04 6.31
C THR A 98 0.11 16.76 7.45
N PRO A 99 -0.69 16.05 8.23
CA PRO A 99 -1.38 16.69 9.37
C PRO A 99 -0.47 17.36 10.40
N PRO A 100 -1.03 18.35 11.15
CA PRO A 100 -0.30 19.07 12.18
C PRO A 100 0.25 18.04 13.19
N GLY A 101 1.45 18.25 13.67
CA GLY A 101 2.03 17.28 14.58
C GLY A 101 3.01 16.35 13.84
N LEU A 102 3.16 16.52 12.52
CA LEU A 102 4.09 15.72 11.70
C LEU A 102 4.97 16.80 11.08
N ASP A 103 6.19 16.90 11.59
CA ASP A 103 7.11 17.99 11.25
C ASP A 103 8.42 17.71 10.56
N ARG A 104 8.99 16.54 10.82
CA ARG A 104 10.32 16.18 10.26
C ARG A 104 10.29 14.88 9.48
N ALA A 105 10.98 14.90 8.35
CA ALA A 105 11.03 13.77 7.43
C ALA A 105 12.45 13.23 7.25
N LEU A 106 12.49 11.96 6.87
CA LEU A 106 13.71 11.19 6.60
C LEU A 106 13.41 10.61 5.19
N LEU A 107 14.28 10.85 4.20
CA LEU A 107 14.00 10.39 2.83
C LEU A 107 14.84 9.16 2.51
N LEU A 108 14.15 8.05 2.26
CA LEU A 108 14.76 6.73 2.03
C LEU A 108 14.43 6.18 0.64
N SER A 109 14.46 4.84 0.50
CA SER A 109 14.24 4.20 -0.79
C SER A 109 13.09 3.19 -0.98
N THR A 110 12.80 2.34 0.01
CA THR A 110 11.74 1.37 -0.17
C THR A 110 10.77 1.44 1.01
N GLY A 111 9.56 0.90 0.80
CA GLY A 111 8.54 0.86 1.85
C GLY A 111 8.95 0.05 3.06
N ALA A 112 9.54 -1.15 2.87
CA ALA A 112 9.96 -1.94 4.03
C ALA A 112 10.98 -1.13 4.83
N GLU A 113 11.90 -0.50 4.10
CA GLU A 113 12.96 0.30 4.71
C GLU A 113 12.32 1.46 5.53
N SER A 114 11.26 2.08 5.01
CA SER A 114 10.63 3.15 5.78
C SER A 114 9.96 2.58 7.05
N ASN A 115 9.33 1.41 6.96
CA ASN A 115 8.75 0.84 8.19
C ASN A 115 9.83 0.45 9.20
N GLU A 116 10.98 0.03 8.69
CA GLU A 116 12.15 -0.32 9.55
C GLU A 116 12.63 0.92 10.31
N ALA A 117 12.77 2.04 9.60
CA ALA A 117 13.21 3.27 10.22
C ALA A 117 12.22 3.72 11.29
N ALA A 118 10.92 3.62 11.02
CA ALA A 118 9.88 4.01 11.98
C ALA A 118 9.90 3.12 13.23
N ILE A 119 9.94 1.81 12.99
CA ILE A 119 9.98 0.86 14.08
C ILE A 119 11.21 1.05 14.98
N ARG A 120 12.38 1.28 14.38
CA ARG A 120 13.61 1.51 15.16
C ARG A 120 13.46 2.77 16.04
N MET A 121 12.87 3.82 15.48
CA MET A 121 12.68 5.08 16.20
C MET A 121 11.74 4.91 17.40
N ALA A 122 10.69 4.11 17.22
CA ALA A 122 9.73 3.88 18.29
C ALA A 122 10.38 3.12 19.43
N LYS A 123 11.15 2.09 19.09
CA LYS A 123 11.83 1.29 20.09
C LYS A 123 12.80 2.19 20.86
N LEU A 124 13.50 3.05 20.14
CA LEU A 124 14.50 3.93 20.78
C LEU A 124 13.88 4.97 21.74
N VAL A 125 12.80 5.62 21.32
CA VAL A 125 12.22 6.66 22.19
C VAL A 125 11.37 6.08 23.33
N THR A 126 10.91 4.85 23.20
CA THR A 126 10.13 4.23 24.31
C THR A 126 11.03 3.40 25.20
N GLY A 127 12.19 3.01 24.68
CA GLY A 127 13.10 2.15 25.43
C GLY A 127 12.49 0.76 25.51
N LYS A 128 11.55 0.45 24.61
CA LYS A 128 10.89 -0.86 24.64
C LYS A 128 11.00 -1.56 23.30
N TYR A 129 10.42 -2.74 23.14
CA TYR A 129 10.61 -3.45 21.87
C TYR A 129 9.46 -4.27 21.25
N GLU A 130 8.37 -4.46 21.98
CA GLU A 130 7.27 -5.28 21.44
C GLU A 130 6.49 -4.44 20.42
N ILE A 131 6.19 -5.07 19.28
CA ILE A 131 5.45 -4.41 18.17
C ILE A 131 4.18 -5.21 17.85
N VAL A 132 3.04 -4.52 17.77
CA VAL A 132 1.77 -5.18 17.47
C VAL A 132 1.24 -4.72 16.10
N GLY A 133 0.80 -5.67 15.28
CA GLY A 133 0.25 -5.33 13.98
C GLY A 133 -1.06 -6.10 13.81
N PHE A 134 -1.67 -6.04 12.62
CA PHE A 134 -2.88 -6.77 12.30
C PHE A 134 -2.57 -8.15 11.74
N ALA A 135 -3.46 -9.11 12.00
CA ALA A 135 -3.26 -10.49 11.57
C ALA A 135 -3.30 -10.66 10.07
N GLN A 136 -3.73 -9.63 9.34
CA GLN A 136 -3.82 -9.71 7.87
C GLN A 136 -2.91 -8.65 7.22
N SER A 137 -1.93 -8.17 7.97
CA SER A 137 -1.06 -7.10 7.49
C SER A 137 0.02 -7.48 6.49
N TRP A 138 0.63 -6.44 5.91
CA TRP A 138 1.78 -6.61 5.01
C TRP A 138 2.60 -5.34 5.08
N HIS A 139 3.81 -5.43 5.65
CA HIS A 139 4.69 -4.26 5.77
C HIS A 139 6.04 -4.37 5.03
N GLY A 140 6.31 -5.53 4.47
CA GLY A 140 7.57 -5.68 3.73
C GLY A 140 8.28 -6.99 4.00
N MET A 141 9.38 -7.21 3.27
CA MET A 141 10.17 -8.43 3.34
C MET A 141 11.39 -8.38 4.27
N THR A 142 11.78 -7.20 4.74
CA THR A 142 12.94 -7.10 5.63
C THR A 142 12.59 -7.36 7.08
N GLY A 143 13.60 -7.80 7.83
CA GLY A 143 13.48 -8.17 9.23
C GLY A 143 12.33 -7.75 10.12
N ALA A 144 12.37 -6.53 10.61
CA ALA A 144 11.31 -6.05 11.48
C ALA A 144 9.97 -5.83 10.73
N ALA A 145 10.06 -5.39 9.47
CA ALA A 145 8.83 -5.18 8.66
C ALA A 145 8.16 -6.54 8.44
N ALA A 146 8.97 -7.59 8.22
CA ALA A 146 8.43 -8.93 8.02
C ALA A 146 7.85 -9.54 9.33
N SER A 147 8.51 -9.24 10.44
CA SER A 147 8.06 -9.71 11.74
C SER A 147 6.69 -9.14 12.11
N ALA A 148 6.34 -7.99 11.52
CA ALA A 148 5.02 -7.38 11.78
C ALA A 148 4.04 -7.65 10.61
N THR A 149 4.43 -8.54 9.69
CA THR A 149 3.62 -8.91 8.51
C THR A 149 3.01 -10.27 8.76
N TYR A 150 1.68 -10.31 8.85
CA TYR A 150 0.97 -11.56 9.15
C TYR A 150 0.14 -12.22 8.05
N SER A 151 -0.08 -11.53 6.93
CA SER A 151 -0.85 -12.12 5.85
C SER A 151 -0.03 -13.21 5.11
N ALA A 152 1.30 -13.17 5.23
CA ALA A 152 2.16 -14.14 4.55
C ALA A 152 3.63 -14.09 5.02
N GLY A 153 4.41 -15.08 4.57
CA GLY A 153 5.83 -15.09 4.87
C GLY A 153 6.37 -15.50 6.23
N ARG A 154 5.53 -15.96 7.14
CA ARG A 154 6.07 -16.29 8.47
C ARG A 154 6.67 -17.68 8.66
N LYS A 155 6.50 -18.57 7.70
CA LYS A 155 7.00 -19.92 7.89
C LYS A 155 8.27 -20.33 7.14
N GLY A 156 8.99 -21.29 7.72
CA GLY A 156 10.18 -21.85 7.10
C GLY A 156 11.43 -21.00 7.20
N VAL A 157 11.32 -19.82 7.80
CA VAL A 157 12.47 -18.91 7.88
C VAL A 157 12.93 -18.54 9.29
N GLY A 158 12.72 -19.44 10.25
CA GLY A 158 13.16 -19.16 11.60
C GLY A 158 12.28 -18.21 12.40
N PRO A 159 12.63 -17.97 13.68
CA PRO A 159 11.89 -17.09 14.58
C PRO A 159 11.73 -15.68 14.05
N ALA A 160 10.59 -15.11 14.40
CA ALA A 160 10.29 -13.73 14.08
C ALA A 160 11.08 -12.91 15.16
N ALA A 161 11.06 -11.60 15.02
CA ALA A 161 11.65 -10.71 15.99
C ALA A 161 11.01 -10.94 17.36
N VAL A 162 11.83 -10.87 18.40
CA VAL A 162 11.36 -11.01 19.78
C VAL A 162 10.24 -9.96 20.01
N GLY A 163 9.16 -10.36 20.68
CA GLY A 163 8.09 -9.42 20.98
C GLY A 163 7.13 -9.07 19.84
N SER A 164 6.94 -9.99 18.90
CA SER A 164 6.02 -9.79 17.77
C SER A 164 4.63 -10.34 18.15
N PHE A 165 3.60 -9.49 18.08
CA PHE A 165 2.21 -9.91 18.39
C PHE A 165 1.25 -9.39 17.32
N ALA A 166 0.08 -10.05 17.16
CA ALA A 166 -0.89 -9.53 16.18
C ALA A 166 -2.27 -9.51 16.83
N ILE A 167 -3.18 -8.66 16.33
CA ILE A 167 -4.58 -8.72 16.80
C ILE A 167 -5.41 -8.82 15.49
N PRO A 168 -6.65 -9.33 15.55
CA PRO A 168 -7.46 -9.42 14.31
C PRO A 168 -7.81 -8.01 13.77
N ALA A 169 -7.88 -7.85 12.46
CA ALA A 169 -8.28 -6.57 11.88
C ALA A 169 -9.83 -6.52 11.87
N PRO A 170 -10.41 -5.31 11.98
CA PRO A 170 -11.88 -5.11 11.97
C PRO A 170 -12.31 -5.32 10.49
N PHE A 171 -13.12 -6.34 10.24
CA PHE A 171 -13.50 -6.72 8.87
C PHE A 171 -15.02 -6.88 8.80
N THR A 172 -15.68 -5.82 8.37
CA THR A 172 -17.13 -5.82 8.34
C THR A 172 -17.82 -6.83 7.43
N TYR A 173 -17.17 -7.26 6.35
CA TYR A 173 -17.78 -8.26 5.45
C TYR A 173 -17.73 -9.69 6.04
N ARG A 174 -16.78 -9.97 6.94
CA ARG A 174 -16.67 -11.30 7.57
C ARG A 174 -16.53 -11.12 9.07
N PRO A 175 -17.52 -10.52 9.73
CA PRO A 175 -17.46 -10.28 11.17
C PRO A 175 -17.47 -11.54 12.05
N ARG A 176 -16.62 -11.54 13.07
CA ARG A 176 -16.57 -12.69 13.99
C ARG A 176 -16.66 -12.33 15.47
N PHE A 177 -17.00 -11.09 15.77
CA PHE A 177 -17.13 -10.69 17.18
C PHE A 177 -18.46 -9.98 17.39
N GLU A 178 -19.40 -10.70 17.98
CA GLU A 178 -20.75 -10.21 18.18
C GLU A 178 -21.04 -9.73 19.60
N ARG A 179 -21.79 -8.64 19.68
CA ARG A 179 -22.23 -8.12 20.96
C ARG A 179 -23.68 -7.65 20.69
N ASN A 180 -24.63 -8.14 21.50
CA ASN A 180 -26.03 -7.78 21.35
C ASN A 180 -26.55 -7.90 19.94
N GLY A 181 -26.31 -9.04 19.30
CA GLY A 181 -26.78 -9.26 17.95
C GLY A 181 -26.08 -8.59 16.78
N ALA A 182 -25.08 -7.75 17.03
CA ALA A 182 -24.38 -7.08 15.92
C ALA A 182 -22.83 -7.12 16.00
N TYR A 183 -22.18 -6.73 14.92
CA TYR A 183 -20.71 -6.73 14.89
C TYR A 183 -20.18 -5.55 15.66
N ASP A 184 -19.66 -5.82 16.84
CA ASP A 184 -19.12 -4.77 17.68
C ASP A 184 -17.57 -4.78 17.53
N TYR A 185 -17.07 -4.14 16.48
CA TYR A 185 -15.62 -4.13 16.24
C TYR A 185 -14.84 -3.34 17.29
N LEU A 186 -15.50 -2.40 17.95
CA LEU A 186 -14.83 -1.64 19.01
C LEU A 186 -14.64 -2.56 20.23
N ALA A 187 -15.63 -3.39 20.53
CA ALA A 187 -15.50 -4.32 21.67
C ALA A 187 -14.46 -5.39 21.28
N GLU A 188 -14.38 -5.75 19.99
CA GLU A 188 -13.39 -6.75 19.55
C GLU A 188 -11.97 -6.21 19.80
N LEU A 189 -11.80 -4.92 19.55
CA LEU A 189 -10.53 -4.22 19.77
C LEU A 189 -10.17 -4.22 21.27
N ASP A 190 -11.14 -3.96 22.14
CA ASP A 190 -10.88 -4.00 23.59
C ASP A 190 -10.49 -5.41 24.04
N TYR A 191 -11.21 -6.40 23.54
CA TYR A 191 -10.96 -7.79 23.89
C TYR A 191 -9.51 -8.18 23.45
N ALA A 192 -9.13 -7.76 22.24
CA ALA A 192 -7.81 -8.09 21.68
C ALA A 192 -6.72 -7.43 22.52
N PHE A 193 -6.90 -6.16 22.87
CA PHE A 193 -5.90 -5.49 23.67
C PHE A 193 -5.79 -6.05 25.06
N ASP A 194 -6.88 -6.59 25.62
CA ASP A 194 -6.70 -7.19 26.95
C ASP A 194 -5.82 -8.44 26.86
N LEU A 195 -5.91 -9.16 25.73
CA LEU A 195 -5.09 -10.37 25.56
C LEU A 195 -3.65 -9.93 25.35
N ILE A 196 -3.46 -8.89 24.54
CA ILE A 196 -2.10 -8.36 24.35
C ILE A 196 -1.50 -8.00 25.71
N ASP A 197 -2.24 -7.22 26.51
CA ASP A 197 -1.73 -6.81 27.83
C ASP A 197 -1.26 -8.00 28.70
N ARG A 198 -1.99 -9.11 28.67
CA ARG A 198 -1.60 -10.26 29.48
C ARG A 198 -0.35 -10.96 28.92
N GLN A 199 -0.21 -10.98 27.60
CA GLN A 199 0.96 -11.63 27.01
C GLN A 199 2.22 -10.81 27.14
N SER A 200 2.06 -9.49 27.12
CA SER A 200 3.21 -8.59 27.18
C SER A 200 4.16 -8.69 28.39
N SER A 201 5.45 -8.40 28.14
CA SER A 201 6.47 -8.38 29.20
C SER A 201 6.55 -6.94 29.75
N GLY A 202 5.63 -6.09 29.34
CA GLY A 202 5.67 -4.71 29.82
C GLY A 202 6.60 -3.89 28.93
N ASN A 203 6.73 -4.31 27.67
CA ASN A 203 7.60 -3.61 26.75
C ASN A 203 6.96 -3.25 25.42
N LEU A 204 5.72 -2.77 25.48
CA LEU A 204 5.02 -2.41 24.25
C LEU A 204 5.56 -1.07 23.72
N ALA A 205 6.13 -1.11 22.52
CA ALA A 205 6.69 0.08 21.92
C ALA A 205 5.77 0.78 20.90
N ALA A 206 5.06 -0.01 20.08
CA ALA A 206 4.22 0.55 19.03
C ALA A 206 3.23 -0.41 18.42
N PHE A 207 2.25 0.18 17.73
CA PHE A 207 1.26 -0.59 16.97
C PHE A 207 1.48 -0.04 15.56
N ILE A 208 1.58 -0.89 14.55
CA ILE A 208 1.76 -0.41 13.17
C ILE A 208 0.54 -0.90 12.38
N ALA A 209 -0.01 -0.02 11.54
CA ALA A 209 -1.23 -0.31 10.82
C ALA A 209 -1.33 0.35 9.45
N GLU A 210 -1.94 -0.38 8.52
CA GLU A 210 -2.26 0.16 7.16
C GLU A 210 -3.68 0.75 7.37
N PRO A 211 -3.98 1.96 6.82
CA PRO A 211 -5.35 2.51 7.03
C PRO A 211 -6.38 1.66 6.28
N ILE A 212 -5.93 1.04 5.19
CA ILE A 212 -6.73 0.11 4.37
C ILE A 212 -5.71 -1.01 4.13
N LEU A 213 -5.99 -2.20 4.65
CA LEU A 213 -5.06 -3.35 4.48
C LEU A 213 -5.15 -3.83 3.05
N SER A 214 -4.09 -3.69 2.27
CA SER A 214 -4.17 -4.05 0.86
C SER A 214 -4.01 -5.54 0.58
N SER A 215 -2.82 -6.06 0.86
CA SER A 215 -2.54 -7.48 0.64
C SER A 215 -3.55 -8.31 1.42
N GLY A 216 -4.01 -7.77 2.55
CA GLY A 216 -4.96 -8.46 3.39
C GLY A 216 -6.36 -8.63 2.80
N GLY A 217 -6.63 -7.96 1.68
CA GLY A 217 -7.95 -8.10 1.04
C GLY A 217 -8.79 -6.81 0.93
N ILE A 218 -8.11 -5.65 0.90
CA ILE A 218 -8.74 -4.32 0.86
C ILE A 218 -9.71 -4.21 2.05
N ILE A 219 -9.13 -4.25 3.25
CA ILE A 219 -9.92 -4.16 4.45
C ILE A 219 -9.78 -2.72 4.95
N GLU A 220 -10.88 -2.00 4.93
CA GLU A 220 -10.89 -0.60 5.36
C GLU A 220 -11.26 -0.53 6.84
N LEU A 221 -10.48 0.20 7.64
CA LEU A 221 -10.77 0.33 9.08
C LEU A 221 -12.07 1.14 9.14
N PRO A 222 -13.10 0.64 9.85
CA PRO A 222 -14.39 1.33 9.93
C PRO A 222 -14.50 2.57 10.82
N ASP A 223 -15.67 3.22 10.77
CA ASP A 223 -15.86 4.46 11.53
C ASP A 223 -15.53 4.38 13.01
N GLY A 224 -14.72 5.35 13.46
CA GLY A 224 -14.29 5.43 14.84
C GLY A 224 -13.19 4.45 15.27
N TYR A 225 -12.84 3.49 14.42
CA TYR A 225 -11.85 2.49 14.83
C TYR A 225 -10.44 3.07 15.04
N MET A 226 -9.93 3.80 14.05
CA MET A 226 -8.57 4.36 14.13
C MET A 226 -8.44 5.26 15.35
N ALA A 227 -9.49 6.01 15.68
CA ALA A 227 -9.38 6.89 16.85
C ALA A 227 -9.30 6.03 18.13
N ALA A 228 -10.06 4.95 18.17
CA ALA A 228 -10.05 4.08 19.33
C ALA A 228 -8.68 3.36 19.43
N LEU A 229 -8.09 3.05 18.28
CA LEU A 229 -6.78 2.39 18.26
C LEU A 229 -5.74 3.33 18.84
N LYS A 230 -5.77 4.58 18.39
CA LYS A 230 -4.83 5.58 18.90
C LYS A 230 -4.95 5.70 20.43
N ARG A 231 -6.19 5.71 20.95
CA ARG A 231 -6.34 5.80 22.40
C ARG A 231 -5.80 4.54 23.09
N LYS A 232 -5.93 3.37 22.48
CA LYS A 232 -5.34 2.17 23.12
C LYS A 232 -3.82 2.40 23.28
N CYS A 233 -3.18 2.93 22.23
CA CYS A 233 -1.75 3.24 22.24
C CYS A 233 -1.36 4.30 23.28
N GLU A 234 -2.10 5.41 23.32
CA GLU A 234 -1.80 6.47 24.27
C GLU A 234 -1.88 5.94 25.69
N ALA A 235 -2.87 5.12 25.99
CA ALA A 235 -2.98 4.61 27.36
C ALA A 235 -1.79 3.75 27.81
N ARG A 236 -1.10 3.14 26.85
CA ARG A 236 0.02 2.25 27.12
C ARG A 236 1.40 2.85 26.82
N GLY A 237 1.45 4.14 26.48
CA GLY A 237 2.72 4.78 26.17
C GLY A 237 3.35 4.26 24.88
N MET A 238 2.51 3.77 23.97
CA MET A 238 2.93 3.22 22.67
C MET A 238 2.77 4.25 21.57
N LEU A 239 3.61 4.15 20.54
CA LEU A 239 3.45 5.03 19.39
C LEU A 239 2.54 4.35 18.38
N LEU A 240 1.79 5.14 17.63
CA LEU A 240 1.00 4.59 16.55
C LEU A 240 1.76 4.91 15.26
N ILE A 241 2.11 3.88 14.52
CA ILE A 241 2.78 4.07 13.22
C ILE A 241 1.77 3.70 12.12
N LEU A 242 1.55 4.62 11.17
CA LEU A 242 0.65 4.31 10.07
C LEU A 242 1.46 4.16 8.79
N ASP A 243 1.29 2.99 8.18
CA ASP A 243 2.01 2.63 6.95
C ASP A 243 1.08 2.99 5.81
N GLU A 244 1.36 4.12 5.18
CA GLU A 244 0.57 4.56 4.04
C GLU A 244 1.31 4.33 2.70
N ALA A 245 2.07 3.22 2.62
CA ALA A 245 2.76 2.88 1.36
C ALA A 245 1.78 2.85 0.18
N GLN A 246 0.62 2.24 0.39
CA GLN A 246 -0.36 2.15 -0.68
C GLN A 246 -1.45 3.21 -0.65
N THR A 247 -1.82 3.67 0.55
CA THR A 247 -2.90 4.65 0.66
C THR A 247 -2.46 6.13 0.58
N GLY A 248 -1.15 6.38 0.72
CA GLY A 248 -0.70 7.74 0.72
C GLY A 248 -0.67 8.42 -0.63
N VAL A 249 -0.49 9.72 -0.58
CA VAL A 249 -0.40 10.54 -1.78
C VAL A 249 -1.62 10.47 -2.68
N GLY A 250 -2.79 10.58 -2.04
CA GLY A 250 -4.03 10.70 -2.78
C GLY A 250 -4.87 9.56 -3.28
N ARG A 251 -4.32 8.36 -3.29
CA ARG A 251 -5.03 7.22 -3.79
C ARG A 251 -6.43 6.96 -3.25
N THR A 252 -6.64 7.19 -1.96
CA THR A 252 -7.97 6.94 -1.40
C THR A 252 -8.90 8.18 -1.39
N GLY A 253 -8.52 9.27 -2.06
CA GLY A 253 -9.42 10.41 -2.07
C GLY A 253 -9.14 11.54 -1.09
N THR A 254 -8.06 11.40 -0.29
CA THR A 254 -7.58 12.48 0.59
C THR A 254 -6.09 12.37 0.39
N MET A 255 -5.32 13.41 0.71
CA MET A 255 -3.87 13.35 0.50
C MET A 255 -3.30 12.15 1.25
N PHE A 256 -3.72 11.97 2.49
CA PHE A 256 -3.32 10.81 3.29
C PHE A 256 -4.59 10.18 3.87
N ALA A 257 -4.68 8.84 3.86
CA ALA A 257 -5.87 8.19 4.40
C ALA A 257 -6.16 8.60 5.84
N CYS A 258 -5.12 8.85 6.65
CA CYS A 258 -5.37 9.22 8.05
C CYS A 258 -6.16 10.56 8.22
N GLN A 259 -6.22 11.38 7.17
CA GLN A 259 -6.95 12.66 7.25
C GLN A 259 -8.46 12.37 7.22
N ARG A 260 -8.84 11.23 6.67
CA ARG A 260 -10.27 10.92 6.67
C ARG A 260 -10.82 10.75 8.08
N ASP A 261 -10.12 10.01 8.93
CA ASP A 261 -10.58 9.82 10.31
C ASP A 261 -10.18 11.00 11.19
N GLY A 262 -9.30 11.86 10.67
CA GLY A 262 -8.82 12.98 11.46
C GLY A 262 -7.91 12.49 12.58
N VAL A 263 -7.31 11.31 12.45
CA VAL A 263 -6.42 10.80 13.50
C VAL A 263 -4.98 10.90 13.02
N THR A 264 -4.15 11.61 13.79
CA THR A 264 -2.75 11.83 13.43
C THR A 264 -1.85 10.82 14.12
N PRO A 265 -1.10 10.05 13.34
CA PRO A 265 -0.19 9.04 13.92
C PRO A 265 1.09 9.72 14.47
N ASP A 266 1.85 8.97 15.26
CA ASP A 266 3.12 9.45 15.81
C ASP A 266 4.18 9.43 14.70
N ILE A 267 4.09 8.44 13.81
CA ILE A 267 5.01 8.34 12.68
C ILE A 267 4.20 7.81 11.48
N LEU A 268 4.38 8.45 10.35
CA LEU A 268 3.73 8.15 9.07
C LEU A 268 4.82 7.65 8.12
N THR A 269 4.57 6.53 7.41
CA THR A 269 5.56 6.04 6.47
C THR A 269 4.93 6.09 5.07
N LEU A 270 5.77 6.40 4.09
CA LEU A 270 5.35 6.55 2.71
C LEU A 270 6.35 5.92 1.79
N SER A 271 5.90 5.50 0.59
CA SER A 271 6.81 4.90 -0.39
C SER A 271 6.33 4.80 -1.84
N LYS A 272 5.67 3.71 -2.18
CA LYS A 272 5.18 3.43 -3.54
C LYS A 272 4.77 4.67 -4.35
N THR A 273 3.64 5.20 -3.95
CA THR A 273 3.03 6.36 -4.58
C THR A 273 3.90 7.61 -4.55
N LEU A 274 4.78 7.76 -3.55
CA LEU A 274 5.63 8.96 -3.47
C LEU A 274 6.68 9.04 -4.55
N GLY A 275 7.30 7.91 -4.90
CA GLY A 275 8.33 7.90 -5.95
C GLY A 275 7.75 7.69 -7.35
N ALA A 276 6.45 7.43 -7.40
CA ALA A 276 5.67 7.22 -8.64
C ALA A 276 6.26 6.19 -9.63
N GLY A 277 7.01 5.20 -9.11
CA GLY A 277 7.64 4.21 -9.96
C GLY A 277 9.11 4.02 -9.61
N LEU A 278 9.74 5.09 -9.12
CA LEU A 278 11.16 5.16 -8.70
C LEU A 278 11.32 4.82 -7.22
N PRO A 279 12.48 4.27 -6.84
CA PRO A 279 12.66 3.93 -5.42
C PRO A 279 12.95 5.10 -4.48
N LEU A 280 11.85 5.66 -3.95
CA LEU A 280 11.89 6.75 -2.98
C LEU A 280 10.87 6.39 -1.89
N ALA A 281 11.19 6.66 -0.64
CA ALA A 281 10.28 6.37 0.46
C ALA A 281 10.55 7.41 1.55
N ALA A 282 9.77 7.39 2.63
CA ALA A 282 10.01 8.36 3.68
C ALA A 282 9.27 8.06 4.96
N ILE A 283 9.72 8.63 6.07
CA ILE A 283 8.89 8.56 7.29
C ILE A 283 8.79 10.05 7.75
N VAL A 284 7.71 10.39 8.45
CA VAL A 284 7.51 11.74 8.98
C VAL A 284 7.07 11.56 10.42
N THR A 285 7.65 12.34 11.33
CA THR A 285 7.24 12.24 12.75
C THR A 285 7.18 13.64 13.37
N SER A 286 6.82 13.72 14.65
CA SER A 286 6.76 15.05 15.26
C SER A 286 8.15 15.59 15.64
N ALA A 287 8.21 16.90 15.84
CA ALA A 287 9.43 17.55 16.29
C ALA A 287 9.80 17.00 17.68
N ALA A 288 8.82 16.75 18.55
CA ALA A 288 9.16 16.20 19.90
C ALA A 288 9.75 14.78 19.83
N ILE A 289 9.21 13.96 18.95
CA ILE A 289 9.72 12.61 18.85
C ILE A 289 11.13 12.62 18.22
N GLU A 290 11.30 13.41 17.15
CA GLU A 290 12.62 13.48 16.47
C GLU A 290 13.72 14.03 17.40
N GLU A 291 13.39 15.02 18.23
CA GLU A 291 14.35 15.61 19.15
C GLU A 291 14.81 14.58 20.15
N ARG A 292 13.87 13.83 20.70
CA ARG A 292 14.18 12.78 21.67
C ARG A 292 15.01 11.67 21.01
N ALA A 293 14.62 11.26 19.81
CA ALA A 293 15.38 10.22 19.10
C ALA A 293 16.81 10.72 18.88
N HIS A 294 16.97 11.99 18.47
CA HIS A 294 18.32 12.55 18.27
C HIS A 294 19.14 12.56 19.59
N GLU A 295 18.56 12.98 20.72
CA GLU A 295 19.24 12.96 22.03
C GLU A 295 19.72 11.53 22.38
N LEU A 296 18.93 10.53 21.96
CA LEU A 296 19.24 9.13 22.26
C LEU A 296 20.18 8.46 21.21
N GLY A 297 20.62 9.26 20.24
CA GLY A 297 21.53 8.78 19.22
C GLY A 297 20.91 8.05 18.03
N TYR A 298 19.70 8.42 17.63
CA TYR A 298 19.05 7.71 16.52
C TYR A 298 19.99 7.58 15.31
N LEU A 299 20.07 6.37 14.79
CA LEU A 299 20.88 6.07 13.60
C LEU A 299 20.08 5.37 12.50
N PHE A 300 20.15 5.87 11.26
CA PHE A 300 19.52 5.20 10.10
C PHE A 300 20.26 5.76 8.88
N TYR A 301 21.53 5.39 8.80
CA TYR A 301 22.40 5.94 7.79
C TYR A 301 22.57 4.95 6.65
N THR A 302 22.07 5.31 5.47
CA THR A 302 22.12 4.41 4.31
C THR A 302 22.81 5.09 3.13
N THR A 303 23.00 4.34 2.07
CA THR A 303 23.64 4.85 0.87
C THR A 303 22.81 5.95 0.24
N HIS A 304 21.51 5.72 0.10
CA HIS A 304 20.66 6.67 -0.60
C HIS A 304 19.77 7.63 0.19
N VAL A 305 19.89 7.62 1.51
CA VAL A 305 19.14 8.57 2.33
C VAL A 305 19.61 9.97 1.84
N SER A 306 18.65 10.87 1.68
CA SER A 306 18.95 12.24 1.26
C SER A 306 19.67 12.39 -0.10
N ASP A 307 19.47 11.46 -1.04
CA ASP A 307 20.09 11.61 -2.36
C ASP A 307 19.26 12.63 -3.14
N PRO A 308 19.89 13.60 -3.81
CA PRO A 308 19.10 14.60 -4.54
C PRO A 308 18.21 14.17 -5.69
N LEU A 309 18.61 13.21 -6.53
CA LEU A 309 17.75 12.85 -7.66
C LEU A 309 16.38 12.25 -7.20
N PRO A 310 16.38 11.25 -6.28
CA PRO A 310 15.12 10.67 -5.80
C PRO A 310 14.23 11.77 -5.16
N ALA A 311 14.85 12.66 -4.41
CA ALA A 311 14.09 13.73 -3.75
C ALA A 311 13.48 14.72 -4.74
N ALA A 312 14.21 15.03 -5.81
CA ALA A 312 13.69 15.94 -6.82
C ALA A 312 12.49 15.29 -7.53
N VAL A 313 12.55 13.99 -7.73
CA VAL A 313 11.42 13.30 -8.36
C VAL A 313 10.17 13.32 -7.45
N GLY A 314 10.37 13.04 -6.15
CA GLY A 314 9.23 13.05 -5.22
C GLY A 314 8.60 14.46 -5.16
N LEU A 315 9.41 15.51 -5.15
CA LEU A 315 8.87 16.86 -5.10
C LEU A 315 8.01 17.12 -6.35
N ARG A 316 8.49 16.69 -7.50
CA ARG A 316 7.77 16.86 -8.76
C ARG A 316 6.48 16.05 -8.73
N VAL A 317 6.50 14.87 -8.07
CA VAL A 317 5.29 14.07 -7.98
C VAL A 317 4.23 14.86 -7.19
N LEU A 318 4.63 15.39 -6.05
CA LEU A 318 3.73 16.19 -5.23
C LEU A 318 3.21 17.45 -5.97
N ASP A 319 4.10 18.13 -6.70
CA ASP A 319 3.71 19.34 -7.44
C ASP A 319 2.60 19.00 -8.42
N VAL A 320 2.76 17.90 -9.15
CA VAL A 320 1.74 17.48 -10.12
C VAL A 320 0.43 17.07 -9.47
N VAL A 321 0.49 16.30 -8.39
CA VAL A 321 -0.73 15.84 -7.74
C VAL A 321 -1.56 17.03 -7.25
N GLN A 322 -0.86 18.01 -6.69
CA GLN A 322 -1.48 19.22 -6.21
C GLN A 322 -2.02 20.10 -7.36
N ARG A 323 -1.14 20.41 -8.30
CA ARG A 323 -1.49 21.28 -9.43
C ARG A 323 -2.66 20.75 -10.26
N ASP A 324 -2.61 19.46 -10.59
CA ASP A 324 -3.63 18.84 -11.42
C ASP A 324 -4.81 18.24 -10.65
N GLY A 325 -4.89 18.56 -9.35
CA GLY A 325 -5.97 18.07 -8.52
C GLY A 325 -6.18 16.57 -8.59
N LEU A 326 -5.09 15.80 -8.56
CA LEU A 326 -5.27 14.35 -8.66
C LEU A 326 -5.93 13.71 -7.42
N VAL A 327 -5.91 14.35 -6.25
CA VAL A 327 -6.62 13.75 -5.10
C VAL A 327 -8.15 13.74 -5.40
N ALA A 328 -8.63 14.84 -5.96
CA ALA A 328 -10.05 14.95 -6.34
C ALA A 328 -10.35 13.96 -7.47
N ARG A 329 -9.45 13.84 -8.45
CA ARG A 329 -9.71 12.86 -9.51
C ARG A 329 -9.87 11.44 -8.98
N ALA A 330 -9.15 11.10 -7.92
CA ALA A 330 -9.28 9.76 -7.36
C ALA A 330 -10.74 9.55 -6.90
N ASN A 331 -11.39 10.61 -6.43
CA ASN A 331 -12.80 10.47 -5.99
C ASN A 331 -13.78 10.38 -7.14
N VAL A 332 -13.56 11.22 -8.16
CA VAL A 332 -14.41 11.25 -9.37
C VAL A 332 -14.26 9.93 -10.18
N MET A 333 -13.02 9.55 -10.51
CA MET A 333 -12.81 8.28 -11.22
C MET A 333 -13.11 7.10 -10.29
N GLY A 334 -12.83 7.27 -9.00
CA GLY A 334 -13.10 6.21 -8.02
C GLY A 334 -14.59 5.89 -7.92
N ASP A 335 -15.41 6.93 -7.96
CA ASP A 335 -16.85 6.74 -7.88
C ASP A 335 -17.37 6.14 -9.18
N ARG A 336 -16.80 6.57 -10.31
CA ARG A 336 -17.23 6.04 -11.58
C ARG A 336 -16.90 4.54 -11.64
N LEU A 337 -15.70 4.19 -11.16
CA LEU A 337 -15.30 2.78 -11.15
C LEU A 337 -16.18 1.97 -10.18
N ARG A 338 -16.39 2.47 -8.97
CA ARG A 338 -17.20 1.76 -7.97
C ARG A 338 -18.65 1.52 -8.45
N ARG A 339 -19.27 2.52 -9.07
CA ARG A 339 -20.64 2.33 -9.58
C ARG A 339 -20.64 1.21 -10.63
N GLY A 340 -19.63 1.20 -11.50
CA GLY A 340 -19.54 0.17 -12.54
C GLY A 340 -19.37 -1.22 -11.95
N LEU A 341 -18.63 -1.31 -10.84
CA LEU A 341 -18.40 -2.56 -10.16
C LEU A 341 -19.71 -3.00 -9.49
N LEU A 342 -20.48 -2.04 -8.96
CA LEU A 342 -21.76 -2.41 -8.36
C LEU A 342 -22.73 -2.87 -9.47
N ASP A 343 -22.61 -2.28 -10.67
CA ASP A 343 -23.45 -2.71 -11.78
C ASP A 343 -23.14 -4.18 -12.13
N LEU A 344 -21.86 -4.53 -12.12
CA LEU A 344 -21.46 -5.89 -12.40
C LEU A 344 -21.99 -6.80 -11.28
N MET A 345 -21.96 -6.30 -10.05
CA MET A 345 -22.43 -7.10 -8.93
C MET A 345 -23.91 -7.45 -9.12
N GLU A 346 -24.66 -6.54 -9.74
CA GLU A 346 -26.09 -6.76 -10.01
C GLU A 346 -26.27 -7.89 -11.00
N ARG A 347 -25.38 -7.96 -11.98
CA ARG A 347 -25.43 -9.00 -13.00
C ARG A 347 -24.86 -10.37 -12.59
N PHE A 348 -23.75 -10.37 -11.83
CA PHE A 348 -23.09 -11.61 -11.45
C PHE A 348 -23.11 -11.97 -9.98
N ASP A 349 -23.75 -13.08 -9.68
CA ASP A 349 -23.90 -13.53 -8.30
C ASP A 349 -22.60 -13.94 -7.58
N CYS A 350 -21.51 -14.03 -8.32
CA CYS A 350 -20.23 -14.42 -7.73
C CYS A 350 -19.46 -13.27 -7.06
N ILE A 351 -19.92 -12.05 -7.33
CA ILE A 351 -19.34 -10.86 -6.73
C ILE A 351 -20.06 -10.70 -5.40
N GLY A 352 -19.37 -11.01 -4.32
CA GLY A 352 -19.99 -10.93 -3.02
C GLY A 352 -19.86 -9.57 -2.35
N ASP A 353 -18.86 -8.78 -2.74
CA ASP A 353 -18.65 -7.48 -2.09
C ASP A 353 -17.74 -6.57 -2.91
N VAL A 354 -18.03 -5.26 -2.87
CA VAL A 354 -17.26 -4.23 -3.56
C VAL A 354 -16.92 -3.27 -2.40
N ARG A 355 -15.64 -3.08 -2.09
CA ARG A 355 -15.27 -2.23 -0.96
C ARG A 355 -14.01 -1.42 -1.27
N GLY A 356 -13.58 -0.59 -0.32
CA GLY A 356 -12.41 0.22 -0.55
C GLY A 356 -12.83 1.70 -0.61
N ARG A 357 -11.94 2.56 -1.12
CA ARG A 357 -12.19 4.01 -1.13
C ARG A 357 -11.33 4.67 -2.22
N GLY A 358 -11.86 5.70 -2.88
CA GLY A 358 -11.12 6.38 -3.92
C GLY A 358 -10.73 5.40 -5.01
N LEU A 359 -9.45 5.37 -5.37
CA LEU A 359 -8.97 4.43 -6.38
C LEU A 359 -8.20 3.24 -5.80
N LEU A 360 -8.63 2.77 -4.65
CA LEU A 360 -8.09 1.56 -4.01
C LEU A 360 -9.34 0.75 -3.70
N LEU A 361 -9.77 -0.04 -4.68
CA LEU A 361 -10.97 -0.83 -4.60
C LEU A 361 -10.75 -2.32 -4.59
N GLY A 362 -11.66 -3.02 -3.91
CA GLY A 362 -11.57 -4.46 -3.86
C GLY A 362 -12.88 -5.14 -4.22
N VAL A 363 -12.78 -6.26 -4.93
CA VAL A 363 -13.96 -7.06 -5.31
C VAL A 363 -13.72 -8.49 -4.84
N GLU A 364 -14.55 -8.95 -3.92
CA GLU A 364 -14.40 -10.28 -3.39
C GLU A 364 -15.30 -11.27 -4.13
N ILE A 365 -14.68 -12.32 -4.67
CA ILE A 365 -15.39 -13.38 -5.40
C ILE A 365 -15.81 -14.50 -4.45
N VAL A 366 -17.08 -14.91 -4.52
CA VAL A 366 -17.59 -15.98 -3.65
C VAL A 366 -18.42 -16.99 -4.44
N LYS A 367 -18.51 -18.18 -3.90
CA LYS A 367 -19.27 -19.26 -4.52
C LYS A 367 -20.74 -19.11 -4.16
N ASP A 368 -21.00 -18.67 -2.93
CA ASP A 368 -22.37 -18.47 -2.46
C ASP A 368 -22.46 -17.15 -1.72
N ARG A 369 -23.36 -16.29 -2.16
CA ARG A 369 -23.53 -14.99 -1.56
C ARG A 369 -24.11 -15.02 -0.15
N ARG A 370 -24.77 -16.12 0.21
CA ARG A 370 -25.35 -16.24 1.55
C ARG A 370 -24.35 -16.94 2.49
N THR A 371 -23.51 -17.82 1.92
CA THR A 371 -22.51 -18.53 2.70
C THR A 371 -21.19 -17.78 2.70
N LYS A 372 -20.99 -16.95 1.69
CA LYS A 372 -19.76 -16.20 1.55
C LYS A 372 -18.61 -17.16 1.38
N GLU A 373 -18.92 -18.38 0.93
CA GLU A 373 -17.87 -19.35 0.72
C GLU A 373 -16.98 -18.87 -0.42
N PRO A 374 -15.66 -18.79 -0.20
CA PRO A 374 -14.69 -18.34 -1.20
C PRO A 374 -14.82 -19.11 -2.52
N ALA A 375 -14.47 -18.46 -3.63
CA ALA A 375 -14.54 -19.09 -4.94
C ALA A 375 -13.14 -19.36 -5.47
N ASP A 376 -12.29 -18.33 -5.40
CA ASP A 376 -10.86 -18.34 -5.79
C ASP A 376 -10.40 -19.09 -7.05
N GLY A 377 -10.84 -20.34 -7.21
CA GLY A 377 -10.49 -21.09 -8.41
C GLY A 377 -11.10 -20.24 -9.50
N LEU A 378 -12.29 -19.71 -9.18
CA LEU A 378 -13.00 -18.85 -10.12
C LEU A 378 -12.24 -17.52 -10.19
N GLY A 379 -11.80 -17.03 -9.04
CA GLY A 379 -11.06 -15.77 -9.02
C GLY A 379 -9.85 -15.77 -9.94
N ALA A 380 -9.04 -16.82 -9.90
CA ALA A 380 -7.84 -16.89 -10.74
C ALA A 380 -8.21 -16.96 -12.21
N LYS A 381 -9.32 -17.65 -12.49
CA LYS A 381 -9.83 -17.81 -13.85
C LYS A 381 -10.18 -16.44 -14.44
N ILE A 382 -10.90 -15.63 -13.66
CA ILE A 382 -11.29 -14.31 -14.12
C ILE A 382 -10.04 -13.50 -14.39
N THR A 383 -9.07 -13.59 -13.49
CA THR A 383 -7.83 -12.82 -13.68
C THR A 383 -7.11 -13.24 -14.95
N ARG A 384 -7.15 -14.53 -15.25
CA ARG A 384 -6.51 -15.08 -16.44
C ARG A 384 -7.20 -14.52 -17.68
N GLU A 385 -8.54 -14.57 -17.69
CA GLU A 385 -9.32 -14.03 -18.81
C GLU A 385 -9.09 -12.53 -18.97
N CYS A 386 -8.97 -11.79 -17.87
CA CYS A 386 -8.76 -10.34 -17.98
C CYS A 386 -7.50 -10.06 -18.76
N MET A 387 -6.42 -10.77 -18.42
CA MET A 387 -5.17 -10.55 -19.13
C MET A 387 -5.35 -10.86 -20.62
N ASN A 388 -5.95 -12.01 -20.92
CA ASN A 388 -6.17 -12.38 -22.32
C ASN A 388 -6.91 -11.27 -23.05
N LEU A 389 -7.79 -10.59 -22.33
CA LEU A 389 -8.57 -9.50 -22.89
C LEU A 389 -7.85 -8.16 -22.88
N GLY A 390 -6.63 -8.11 -22.33
CA GLY A 390 -5.89 -6.85 -22.29
C GLY A 390 -6.12 -5.96 -21.07
N LEU A 391 -6.40 -6.58 -19.91
CA LEU A 391 -6.60 -5.87 -18.67
C LEU A 391 -5.77 -6.53 -17.58
N SER A 392 -4.79 -5.80 -17.04
CA SER A 392 -3.95 -6.34 -15.98
C SER A 392 -4.58 -6.11 -14.59
N MET A 393 -4.87 -7.24 -13.93
CA MET A 393 -5.48 -7.29 -12.62
C MET A 393 -4.57 -8.09 -11.63
N ASN A 394 -4.93 -8.08 -10.36
CA ASN A 394 -4.18 -8.81 -9.33
C ASN A 394 -5.15 -9.28 -8.26
N ILE A 395 -5.19 -10.58 -8.00
CA ILE A 395 -6.08 -11.10 -6.97
C ILE A 395 -5.24 -11.59 -5.75
N VAL A 396 -5.73 -11.32 -4.53
CA VAL A 396 -5.04 -11.78 -3.32
C VAL A 396 -5.96 -12.79 -2.62
N GLN A 397 -5.35 -13.83 -2.06
CA GLN A 397 -6.08 -14.90 -1.39
C GLN A 397 -5.59 -15.21 0.04
N LEU A 398 -6.48 -15.11 1.01
CA LEU A 398 -6.15 -15.43 2.40
C LEU A 398 -7.18 -16.42 2.96
N PRO A 399 -6.76 -17.29 3.90
CA PRO A 399 -7.70 -18.27 4.48
C PRO A 399 -8.99 -17.68 5.03
N GLY A 400 -10.11 -18.31 4.67
CA GLY A 400 -11.41 -17.88 5.15
C GLY A 400 -11.99 -16.70 4.39
N MET A 401 -11.41 -16.41 3.22
CA MET A 401 -11.85 -15.30 2.38
C MET A 401 -11.89 -15.71 0.90
N GLY A 402 -12.79 -15.09 0.14
CA GLY A 402 -12.86 -15.39 -1.28
C GLY A 402 -11.67 -14.69 -1.90
N GLY A 403 -11.35 -15.00 -3.17
CA GLY A 403 -10.25 -14.30 -3.82
C GLY A 403 -10.70 -12.85 -3.92
N VAL A 404 -9.76 -11.92 -3.78
CA VAL A 404 -10.10 -10.49 -3.83
C VAL A 404 -9.28 -9.75 -4.87
N PHE A 405 -9.93 -9.12 -5.84
CA PHE A 405 -9.20 -8.32 -6.84
C PHE A 405 -8.84 -7.00 -6.18
N ARG A 406 -7.61 -6.55 -6.39
CA ARG A 406 -7.14 -5.27 -5.83
C ARG A 406 -7.03 -4.38 -7.06
N ILE A 407 -7.97 -3.44 -7.19
CA ILE A 407 -8.02 -2.55 -8.35
C ILE A 407 -7.53 -1.15 -7.97
N ALA A 408 -6.48 -0.71 -8.65
CA ALA A 408 -5.85 0.58 -8.33
C ALA A 408 -5.21 1.21 -9.54
N PRO A 409 -6.04 1.81 -10.40
CA PRO A 409 -5.56 2.48 -11.63
C PRO A 409 -4.80 3.79 -11.33
N PRO A 410 -4.04 4.31 -12.31
CA PRO A 410 -3.31 5.57 -12.08
C PRO A 410 -4.32 6.70 -11.71
N LEU A 411 -3.91 7.68 -10.92
CA LEU A 411 -4.85 8.75 -10.55
C LEU A 411 -5.16 9.63 -11.78
N THR A 412 -4.30 9.53 -12.79
CA THR A 412 -4.45 10.22 -14.05
C THR A 412 -5.33 9.42 -15.03
N VAL A 413 -5.93 8.32 -14.60
CA VAL A 413 -6.74 7.47 -15.48
C VAL A 413 -7.91 8.30 -16.06
N SER A 414 -8.32 8.02 -17.29
CA SER A 414 -9.43 8.80 -17.90
C SER A 414 -10.77 8.09 -17.78
N GLU A 415 -11.85 8.82 -18.06
CA GLU A 415 -13.18 8.23 -18.00
C GLU A 415 -13.29 7.09 -18.99
N ASP A 416 -12.76 7.30 -20.18
CA ASP A 416 -12.81 6.25 -21.20
C ASP A 416 -12.02 5.01 -20.74
N GLU A 417 -10.92 5.24 -20.03
CA GLU A 417 -10.10 4.12 -19.58
C GLU A 417 -10.81 3.33 -18.49
N ILE A 418 -11.49 4.04 -17.59
CA ILE A 418 -12.26 3.37 -16.53
C ILE A 418 -13.35 2.51 -17.20
N ASP A 419 -14.01 3.06 -18.21
CA ASP A 419 -15.09 2.31 -18.86
C ASP A 419 -14.54 1.10 -19.62
N LEU A 420 -13.38 1.24 -20.25
CA LEU A 420 -12.81 0.13 -20.96
C LEU A 420 -12.49 -0.98 -19.95
N GLY A 421 -11.90 -0.60 -18.81
CA GLY A 421 -11.58 -1.60 -17.80
C GLY A 421 -12.82 -2.35 -17.32
N LEU A 422 -13.89 -1.60 -17.05
CA LEU A 422 -15.15 -2.15 -16.58
C LEU A 422 -15.73 -3.12 -17.63
N SER A 423 -15.59 -2.76 -18.90
CA SER A 423 -16.11 -3.59 -19.99
C SER A 423 -15.31 -4.90 -20.09
N LEU A 424 -13.99 -4.80 -20.13
CA LEU A 424 -13.16 -6.00 -20.20
C LEU A 424 -13.40 -6.93 -18.99
N LEU A 425 -13.57 -6.35 -17.80
CA LEU A 425 -13.83 -7.17 -16.60
C LEU A 425 -15.11 -7.97 -16.74
N GLY A 426 -16.18 -7.27 -17.16
CA GLY A 426 -17.46 -7.93 -17.36
C GLY A 426 -17.35 -9.11 -18.35
N GLN A 427 -16.63 -8.89 -19.45
CA GLN A 427 -16.42 -9.94 -20.45
C GLN A 427 -15.57 -11.08 -19.90
N ALA A 428 -14.63 -10.77 -19.00
CA ALA A 428 -13.79 -11.78 -18.41
C ALA A 428 -14.59 -12.68 -17.47
N ILE A 429 -15.50 -12.07 -16.72
CA ILE A 429 -16.34 -12.84 -15.80
C ILE A 429 -17.29 -13.72 -16.62
N GLU A 430 -17.87 -13.14 -17.66
CA GLU A 430 -18.79 -13.89 -18.52
C GLU A 430 -18.09 -15.13 -19.04
N ARG A 431 -16.87 -14.99 -19.56
CA ARG A 431 -16.25 -16.20 -20.07
C ARG A 431 -15.59 -17.13 -19.05
N ALA A 432 -15.38 -16.67 -17.82
CA ALA A 432 -14.78 -17.51 -16.78
C ALA A 432 -15.80 -18.44 -16.10
N LEU A 433 -17.06 -18.05 -16.15
CA LEU A 433 -18.14 -18.80 -15.53
C LEU A 433 -18.46 -20.11 -16.26
#